data_7GA7
#
_entry.id   7GA7
#
_cell.length_a   54.002
_cell.length_b   69.336
_cell.length_c   57.714
_cell.angle_alpha   90.000
_cell.angle_beta   92.740
_cell.angle_gamma   90.000
#
_symmetry.space_group_name_H-M   'P 1 21 1'
#
loop_
_entity.id
_entity.type
_entity.pdbx_description
1 polymer 'Serine protease NS3'
2 non-polymer 1,2-ETHANEDIOL
3 non-polymer 'PHOSPHATE ION'
4 non-polymer (4S)-2-METHYL-2,4-PENTANEDIOL
5 non-polymer 1-[(3-fluoro-4-methoxyphenyl)methyl]piperazine
6 water water
#
_entity_poly.entity_id   1
_entity_poly.type   'polypeptide(L)'
_entity_poly.pdbx_seq_one_letter_code
;MLKKKQLTVLDLHPGAGKTRRVLPEIVREAIKKRLRTVILAPTRVVAAEMEEALRGLPVRYMTTAVNVTHSGTEIVDLMC
HATFTSRLLQPIRVPNYNLNIMDEAHFTDPSSIAARGYISTRVEMGEAAAIFMTATPPGTRDAFPDSNSPIMDTEVEVPE
RAWSSGFDWVTDHSGKTVWFVPSVRNGNEIAACLTKAGKRVIQLSRKTFETEFQKTKNQEWDFVITTDISEMGANFKADR
VIDSRRCLKPVILDGERVILAGPMPVTHASAAQRRGRIGRNPNKPGDEYMYGGGCAETDEGHAHWLEARMLLDNIYLQDG
LIASLYRPEADKVAAIEGEFKLRTEQRKTFVELMKRGDLPVWLAYQVASAGITYTDRRWCFDGTTNNTIMEDSVPAEVWT
KYGEKRVLKPRWMDARVCSDHAALKSFKEFAAGKR
;
_entity_poly.pdbx_strand_id   A
#
# COMPACT_ATOMS: atom_id res chain seq x y z
N MET A 1 -21.10 17.61 -6.26
CA MET A 1 -20.24 16.53 -5.77
C MET A 1 -20.61 16.10 -4.33
N LEU A 2 -20.92 17.07 -3.48
CA LEU A 2 -21.10 16.89 -2.04
C LEU A 2 -22.49 16.38 -1.59
N LYS A 3 -23.46 16.22 -2.52
CA LYS A 3 -24.80 15.72 -2.21
C LYS A 3 -24.79 14.25 -1.79
N LYS A 4 -25.69 13.86 -0.84
CA LYS A 4 -25.82 12.46 -0.41
C LYS A 4 -26.08 11.56 -1.63
N LYS A 5 -25.79 10.26 -1.52
CA LYS A 5 -25.98 9.29 -2.58
C LYS A 5 -25.06 9.50 -3.76
N GLN A 6 -24.04 10.39 -3.69
CA GLN A 6 -23.14 10.54 -4.84
C GLN A 6 -21.69 10.10 -4.59
N LEU A 7 -21.15 9.29 -5.49
CA LEU A 7 -19.73 8.91 -5.48
C LEU A 7 -19.12 9.48 -6.76
N THR A 8 -18.17 10.40 -6.62
CA THR A 8 -17.51 11.01 -7.77
C THR A 8 -16.08 10.51 -7.93
N VAL A 9 -15.68 10.13 -9.16
CA VAL A 9 -14.32 9.72 -9.41
C VAL A 9 -13.62 10.91 -10.07
N LEU A 10 -12.69 11.51 -9.37
CA LEU A 10 -11.93 12.67 -9.83
C LEU A 10 -10.67 12.11 -10.45
N ASP A 11 -10.70 11.97 -11.79
CA ASP A 11 -9.64 11.27 -12.50
C ASP A 11 -8.77 12.15 -13.39
N LEU A 12 -8.45 13.36 -12.91
CA LEU A 12 -7.50 14.23 -13.63
C LEU A 12 -6.14 13.52 -13.70
N HIS A 13 -5.39 13.74 -14.79
CA HIS A 13 -4.11 13.06 -15.02
C HIS A 13 -3.09 13.29 -13.90
N PRO A 14 -2.06 12.43 -13.78
CA PRO A 14 -1.07 12.60 -12.71
C PRO A 14 -0.40 13.99 -12.77
N GLY A 15 -0.30 14.65 -11.63
CA GLY A 15 0.27 15.99 -11.59
C GLY A 15 -0.66 17.13 -11.97
N ALA A 16 -1.95 16.83 -12.23
CA ALA A 16 -2.89 17.87 -12.64
C ALA A 16 -3.35 18.83 -11.52
N GLY A 17 -3.05 18.50 -10.26
CA GLY A 17 -3.40 19.37 -9.13
C GLY A 17 -4.55 18.90 -8.25
N LYS A 18 -4.84 17.59 -8.28
CA LYS A 18 -5.95 17.06 -7.45
C LYS A 18 -5.69 17.32 -5.94
N THR A 19 -4.46 17.05 -5.46
CA THR A 19 -4.16 17.27 -4.04
C THR A 19 -3.94 18.72 -3.62
N ARG A 20 -3.13 19.48 -4.38
CA ARG A 20 -2.79 20.84 -3.97
C ARG A 20 -3.77 21.93 -4.42
N ARG A 21 -4.55 21.68 -5.49
CA ARG A 21 -5.47 22.71 -5.97
C ARG A 21 -6.97 22.36 -5.75
N VAL A 22 -7.40 21.18 -6.20
CA VAL A 22 -8.81 20.80 -6.10
C VAL A 22 -9.19 20.46 -4.65
N LEU A 23 -8.37 19.67 -3.96
CA LEU A 23 -8.70 19.26 -2.59
C LEU A 23 -9.02 20.44 -1.62
N PRO A 24 -8.23 21.55 -1.56
CA PRO A 24 -8.61 22.65 -0.65
C PRO A 24 -9.96 23.29 -1.03
N GLU A 25 -10.28 23.33 -2.33
CA GLU A 25 -11.55 23.91 -2.81
C GLU A 25 -12.73 23.05 -2.29
N ILE A 26 -12.58 21.70 -2.35
CA ILE A 26 -13.61 20.79 -1.84
C ILE A 26 -13.77 21.00 -0.33
N VAL A 27 -12.64 21.05 0.41
CA VAL A 27 -12.65 21.23 1.86
C VAL A 27 -13.31 22.55 2.29
N ARG A 28 -12.99 23.68 1.62
CA ARG A 28 -13.66 24.96 1.92
C ARG A 28 -15.19 24.85 1.76
N GLU A 29 -15.63 24.21 0.65
CA GLU A 29 -17.07 24.07 0.40
C GLU A 29 -17.72 23.15 1.44
N ALA A 30 -17.02 22.09 1.83
CA ALA A 30 -17.55 21.14 2.83
C ALA A 30 -17.79 21.83 4.19
N ILE A 31 -16.83 22.69 4.61
CA ILE A 31 -16.89 23.42 5.87
C ILE A 31 -18.07 24.43 5.84
N LYS A 32 -18.23 25.15 4.71
CA LYS A 32 -19.34 26.13 4.50
C LYS A 32 -20.70 25.40 4.66
N LYS A 33 -20.78 24.17 4.09
CA LYS A 33 -22.02 23.37 4.14
C LYS A 33 -22.19 22.53 5.42
N ARG A 34 -21.26 22.65 6.39
CA ARG A 34 -21.32 21.93 7.67
C ARG A 34 -21.39 20.42 7.49
N LEU A 35 -20.59 19.91 6.54
CA LEU A 35 -20.51 18.46 6.30
C LEU A 35 -19.36 17.92 7.13
N ARG A 36 -19.61 16.92 7.98
CA ARG A 36 -18.56 16.25 8.74
C ARG A 36 -17.79 15.43 7.69
N THR A 37 -16.48 15.72 7.54
CA THR A 37 -15.73 15.17 6.42
C THR A 37 -14.48 14.44 6.85
N VAL A 38 -14.15 13.33 6.15
CA VAL A 38 -12.89 12.67 6.39
C VAL A 38 -12.06 12.73 5.11
N ILE A 39 -10.74 12.97 5.23
CA ILE A 39 -9.81 12.96 4.09
C ILE A 39 -8.84 11.79 4.39
N LEU A 40 -8.68 10.85 3.44
CA LEU A 40 -7.85 9.68 3.69
C LEU A 40 -6.60 9.74 2.83
N ALA A 41 -5.42 9.82 3.47
CA ALA A 41 -4.10 9.89 2.83
C ALA A 41 -3.53 8.47 2.77
N PRO A 42 -2.82 8.10 1.71
CA PRO A 42 -2.31 6.72 1.62
C PRO A 42 -1.20 6.42 2.63
N THR A 43 -0.37 7.43 2.95
CA THR A 43 0.81 7.32 3.81
C THR A 43 0.97 8.57 4.71
N ARG A 44 1.83 8.45 5.74
CA ARG A 44 2.15 9.54 6.65
CA ARG A 44 2.15 9.54 6.65
C ARG A 44 2.85 10.66 5.88
N VAL A 45 3.66 10.30 4.83
CA VAL A 45 4.34 11.30 4.01
C VAL A 45 3.33 12.16 3.28
N VAL A 46 2.30 11.52 2.64
CA VAL A 46 1.27 12.30 1.94
C VAL A 46 0.47 13.12 2.95
N ALA A 47 0.18 12.56 4.14
CA ALA A 47 -0.56 13.32 5.17
C ALA A 47 0.15 14.66 5.50
N ALA A 48 1.49 14.60 5.66
CA ALA A 48 2.29 15.82 5.92
C ALA A 48 2.24 16.80 4.75
N GLU A 49 2.29 16.31 3.50
CA GLU A 49 2.16 17.18 2.34
C GLU A 49 0.79 17.83 2.23
N MET A 50 -0.26 17.11 2.65
CA MET A 50 -1.61 17.64 2.62
C MET A 50 -1.77 18.76 3.60
N GLU A 51 -1.10 18.70 4.78
CA GLU A 51 -1.17 19.81 5.73
C GLU A 51 -0.67 21.13 5.07
N GLU A 52 0.37 21.02 4.23
CA GLU A 52 0.93 22.20 3.54
C GLU A 52 -0.12 22.81 2.59
N ALA A 53 -0.82 21.98 1.80
CA ALA A 53 -1.86 22.46 0.89
C ALA A 53 -3.10 22.97 1.59
N LEU A 54 -3.39 22.43 2.78
CA LEU A 54 -4.58 22.80 3.54
C LEU A 54 -4.32 23.81 4.65
N ARG A 55 -3.10 24.39 4.73
CA ARG A 55 -2.79 25.35 5.79
C ARG A 55 -3.77 26.54 5.79
N GLY A 56 -4.26 26.87 6.98
CA GLY A 56 -5.26 27.93 7.11
C GLY A 56 -6.68 27.41 7.16
N LEU A 57 -6.87 26.11 6.90
CA LEU A 57 -8.19 25.50 6.97
C LEU A 57 -8.30 24.69 8.26
N PRO A 58 -9.48 24.68 8.87
CA PRO A 58 -9.65 23.94 10.13
C PRO A 58 -9.77 22.42 9.96
N VAL A 59 -8.63 21.72 10.01
CA VAL A 59 -8.58 20.25 9.81
C VAL A 59 -7.91 19.61 11.01
N ARG A 60 -8.50 18.52 11.57
CA ARG A 60 -7.90 17.75 12.67
C ARG A 60 -7.04 16.65 12.05
N TYR A 61 -5.74 16.72 12.28
CA TYR A 61 -4.80 15.74 11.69
C TYR A 61 -4.59 14.58 12.66
N MET A 62 -5.22 13.45 12.37
CA MET A 62 -5.23 12.29 13.24
C MET A 62 -4.01 11.39 13.01
N THR A 63 -2.82 12.01 13.19
CA THR A 63 -1.55 11.34 12.97
C THR A 63 -0.42 12.09 13.65
N THR A 64 0.60 11.36 14.17
CA THR A 64 1.79 12.06 14.72
C THR A 64 2.72 12.60 13.61
N ALA A 65 2.42 12.34 12.33
CA ALA A 65 3.26 12.83 11.23
C ALA A 65 3.14 14.35 11.02
N VAL A 66 2.11 14.99 11.63
CA VAL A 66 1.86 16.42 11.51
C VAL A 66 1.96 17.02 12.92
N ASN A 67 2.82 18.04 13.11
CA ASN A 67 2.96 18.66 14.42
C ASN A 67 2.22 19.97 14.39
N VAL A 68 0.93 19.96 14.80
CA VAL A 68 0.06 21.15 14.84
C VAL A 68 -0.77 21.15 16.13
N THR A 69 -1.15 22.34 16.57
CA THR A 69 -1.99 22.48 17.75
C THR A 69 -3.42 22.66 17.23
N HIS A 70 -4.29 21.69 17.52
CA HIS A 70 -5.68 21.76 17.11
C HIS A 70 -6.54 22.71 17.96
N SER A 71 -7.59 23.25 17.35
CA SER A 71 -8.52 24.14 18.05
C SER A 71 -9.60 23.37 18.83
N GLY A 72 -9.93 22.16 18.38
CA GLY A 72 -10.99 21.37 18.99
C GLY A 72 -12.35 21.57 18.33
N THR A 73 -12.47 22.53 17.40
CA THR A 73 -13.74 22.77 16.70
C THR A 73 -13.74 22.29 15.23
N GLU A 74 -12.70 21.55 14.80
CA GLU A 74 -12.63 21.08 13.43
C GLU A 74 -13.73 20.08 13.13
N ILE A 75 -14.40 20.21 11.96
CA ILE A 75 -15.38 19.20 11.50
C ILE A 75 -14.80 18.37 10.31
N VAL A 76 -13.54 18.63 9.94
CA VAL A 76 -12.81 17.89 8.90
C VAL A 76 -11.67 17.11 9.60
N ASP A 77 -11.63 15.79 9.41
CA ASP A 77 -10.57 14.96 9.98
C ASP A 77 -9.69 14.45 8.83
N LEU A 78 -8.40 14.23 9.06
CA LEU A 78 -7.53 13.66 8.04
C LEU A 78 -6.80 12.50 8.72
N MET A 79 -6.81 11.33 8.07
CA MET A 79 -6.09 10.19 8.63
C MET A 79 -5.63 9.30 7.49
N CYS A 80 -4.77 8.31 7.80
CA CYS A 80 -4.32 7.40 6.75
CA CYS A 80 -4.35 7.46 6.69
C CYS A 80 -5.40 6.40 6.36
N HIS A 81 -5.33 5.81 5.13
CA HIS A 81 -6.32 4.77 4.77
C HIS A 81 -6.36 3.63 5.79
N ALA A 82 -5.19 3.18 6.24
CA ALA A 82 -5.09 2.05 7.17
C ALA A 82 -5.67 2.43 8.54
N THR A 83 -5.48 3.68 8.96
CA THR A 83 -6.04 4.12 10.26
C THR A 83 -7.57 4.08 10.21
N PHE A 84 -8.15 4.51 9.07
CA PHE A 84 -9.60 4.46 8.94
C PHE A 84 -10.16 3.04 9.12
N THR A 85 -9.61 2.09 8.33
CA THR A 85 -10.07 0.73 8.44
C THR A 85 -9.81 0.12 9.78
N SER A 86 -8.68 0.49 10.40
CA SER A 86 -8.31 -0.03 11.71
C SER A 86 -9.31 0.43 12.77
N ARG A 87 -9.66 1.72 12.74
CA ARG A 87 -10.62 2.24 13.73
C ARG A 87 -12.00 1.67 13.50
N LEU A 88 -12.36 1.38 12.24
CA LEU A 88 -13.67 0.75 11.98
C LEU A 88 -13.73 -0.65 12.63
N LEU A 89 -12.63 -1.41 12.55
CA LEU A 89 -12.55 -2.78 13.11
C LEU A 89 -12.57 -2.82 14.66
N GLN A 90 -11.96 -1.85 15.27
CA GLN A 90 -11.83 -1.75 16.73
C GLN A 90 -13.13 -1.26 17.40
N PRO A 91 -13.29 -1.46 18.73
CA PRO A 91 -14.49 -0.96 19.42
C PRO A 91 -14.29 0.52 19.79
N ILE A 92 -14.11 1.30 18.76
CA ILE A 92 -13.90 2.74 18.81
C ILE A 92 -14.96 3.36 17.90
N ARG A 93 -15.50 4.51 18.34
CA ARG A 93 -16.50 5.29 17.65
C ARG A 93 -15.88 5.98 16.44
N VAL A 94 -16.40 5.67 15.26
CA VAL A 94 -15.95 6.36 14.03
C VAL A 94 -17.18 7.11 13.58
N PRO A 95 -17.11 8.44 13.42
CA PRO A 95 -18.30 9.19 13.00
C PRO A 95 -18.82 8.68 11.65
N ASN A 96 -20.13 8.84 11.41
CA ASN A 96 -20.69 8.42 10.12
C ASN A 96 -20.51 9.67 9.21
N TYR A 97 -19.27 9.86 8.71
CA TYR A 97 -18.93 11.03 7.88
C TYR A 97 -19.91 11.31 6.73
N ASN A 98 -20.34 12.57 6.58
CA ASN A 98 -21.24 12.95 5.49
C ASN A 98 -20.49 12.96 4.14
N LEU A 99 -19.19 13.33 4.15
CA LEU A 99 -18.39 13.39 2.93
C LEU A 99 -17.08 12.64 3.19
N ASN A 100 -16.75 11.68 2.30
CA ASN A 100 -15.58 10.80 2.46
C ASN A 100 -14.69 11.02 1.24
N ILE A 101 -13.49 11.59 1.47
CA ILE A 101 -12.59 11.88 0.34
C ILE A 101 -11.40 10.95 0.43
N MET A 102 -11.09 10.14 -0.61
CA MET A 102 -9.91 9.27 -0.50
C MET A 102 -8.91 9.75 -1.55
N ASP A 103 -7.73 10.22 -1.11
CA ASP A 103 -6.66 10.61 -2.05
C ASP A 103 -5.83 9.35 -2.39
N GLU A 104 -5.26 9.34 -3.62
CA GLU A 104 -4.49 8.19 -4.17
C GLU A 104 -5.31 6.92 -4.02
N ALA A 105 -6.58 7.02 -4.50
CA ALA A 105 -7.60 6.02 -4.34
C ALA A 105 -7.39 4.73 -5.14
N HIS A 106 -6.28 4.65 -5.88
CA HIS A 106 -5.96 3.42 -6.60
C HIS A 106 -5.18 2.44 -5.70
N PHE A 107 -4.77 2.85 -4.47
CA PHE A 107 -3.94 2.00 -3.59
C PHE A 107 -4.58 0.63 -3.39
N THR A 108 -3.79 -0.45 -3.69
CA THR A 108 -4.33 -1.80 -3.61
C THR A 108 -3.94 -2.59 -2.35
N ASP A 109 -3.47 -1.92 -1.28
CA ASP A 109 -3.25 -2.64 -0.03
C ASP A 109 -4.66 -3.00 0.55
N PRO A 110 -4.76 -4.13 1.27
CA PRO A 110 -6.06 -4.61 1.74
C PRO A 110 -6.85 -3.59 2.51
N SER A 111 -6.18 -2.79 3.37
CA SER A 111 -6.97 -1.78 4.14
C SER A 111 -7.58 -0.68 3.27
N SER A 112 -6.92 -0.36 2.14
CA SER A 112 -7.43 0.67 1.23
C SER A 112 -8.63 0.10 0.44
N ILE A 113 -8.49 -1.16 -0.05
CA ILE A 113 -9.63 -1.77 -0.77
C ILE A 113 -10.84 -1.88 0.18
N ALA A 114 -10.61 -2.27 1.47
CA ALA A 114 -11.71 -2.39 2.42
C ALA A 114 -12.34 -1.02 2.66
N ALA A 115 -11.50 0.04 2.82
CA ALA A 115 -12.05 1.39 3.01
C ALA A 115 -12.96 1.80 1.82
N ARG A 116 -12.52 1.49 0.56
CA ARG A 116 -13.38 1.84 -0.59
C ARG A 116 -14.69 1.07 -0.54
N GLY A 117 -14.65 -0.16 -0.07
CA GLY A 117 -15.85 -1.01 -0.05
C GLY A 117 -16.86 -0.49 0.96
N TYR A 118 -16.36 -0.13 2.13
CA TYR A 118 -17.21 0.43 3.18
C TYR A 118 -17.81 1.77 2.74
N ILE A 119 -16.97 2.68 2.22
CA ILE A 119 -17.43 3.99 1.81
C ILE A 119 -18.45 3.90 0.68
N SER A 120 -18.13 3.11 -0.40
CA SER A 120 -19.07 3.01 -1.53
C SER A 120 -20.41 2.37 -1.11
N THR A 121 -20.38 1.48 -0.10
CA THR A 121 -21.61 0.86 0.38
C THR A 121 -22.47 1.90 1.13
N ARG A 122 -21.83 2.75 1.96
CA ARG A 122 -22.58 3.81 2.64
C ARG A 122 -23.20 4.77 1.61
N VAL A 123 -22.46 5.07 0.53
CA VAL A 123 -23.03 5.91 -0.55
C VAL A 123 -24.23 5.22 -1.20
N GLU A 124 -24.07 3.93 -1.55
CA GLU A 124 -25.17 3.15 -2.17
C GLU A 124 -26.41 3.11 -1.27
N MET A 125 -26.22 3.02 0.06
CA MET A 125 -27.34 3.07 1.01
C MET A 125 -28.08 4.43 1.04
N GLY A 126 -27.44 5.47 0.51
CA GLY A 126 -27.96 6.82 0.43
C GLY A 126 -27.63 7.69 1.64
N GLU A 127 -26.67 7.26 2.43
CA GLU A 127 -26.27 7.85 3.69
C GLU A 127 -25.16 8.88 3.61
N ALA A 128 -24.38 8.85 2.53
CA ALA A 128 -23.18 9.66 2.46
C ALA A 128 -22.79 10.02 1.02
N ALA A 129 -21.82 10.96 0.87
CA ALA A 129 -21.20 11.27 -0.40
C ALA A 129 -19.73 10.81 -0.34
N ALA A 130 -19.12 10.62 -1.51
CA ALA A 130 -17.70 10.28 -1.52
C ALA A 130 -17.02 10.79 -2.73
N ILE A 131 -15.70 11.07 -2.62
CA ILE A 131 -14.92 11.49 -3.76
C ILE A 131 -13.65 10.63 -3.77
N PHE A 132 -13.42 9.87 -4.86
CA PHE A 132 -12.20 9.06 -4.96
C PHE A 132 -11.27 9.77 -5.94
N MET A 133 -10.10 10.24 -5.48
CA MET A 133 -9.17 11.00 -6.31
C MET A 133 -8.07 10.10 -6.80
N THR A 134 -8.01 9.85 -8.12
CA THR A 134 -6.91 9.10 -8.71
C THR A 134 -6.95 9.23 -10.23
N ALA A 135 -5.77 9.37 -10.82
CA ALA A 135 -5.69 9.36 -12.28
C ALA A 135 -6.01 7.99 -12.87
N THR A 136 -5.89 6.92 -12.08
CA THR A 136 -6.03 5.55 -12.57
C THR A 136 -7.08 4.74 -11.78
N PRO A 137 -8.37 4.94 -12.10
CA PRO A 137 -9.44 4.18 -11.44
C PRO A 137 -9.36 2.66 -11.74
N PRO A 138 -9.98 1.78 -10.92
CA PRO A 138 -9.91 0.34 -11.19
C PRO A 138 -10.38 -0.07 -12.59
N GLY A 139 -9.59 -0.89 -13.25
CA GLY A 139 -9.94 -1.36 -14.59
C GLY A 139 -9.43 -0.48 -15.73
N THR A 140 -8.68 0.59 -15.40
CA THR A 140 -8.10 1.44 -16.44
C THR A 140 -7.14 0.60 -17.29
N ARG A 141 -7.21 0.79 -18.58
CA ARG A 141 -6.41 0.08 -19.57
C ARG A 141 -5.40 0.99 -20.27
N ASP A 142 -5.17 2.21 -19.75
CA ASP A 142 -4.26 3.18 -20.37
C ASP A 142 -3.00 3.34 -19.54
N ALA A 143 -1.90 2.75 -19.98
CA ALA A 143 -0.63 2.92 -19.22
C ALA A 143 0.10 4.23 -19.54
N PHE A 144 -0.40 5.02 -20.50
CA PHE A 144 0.28 6.23 -20.94
C PHE A 144 -0.66 7.46 -20.94
N PRO A 145 -1.15 7.85 -19.75
CA PRO A 145 -2.05 9.01 -19.67
C PRO A 145 -1.37 10.35 -19.93
N ASP A 146 -2.16 11.44 -19.96
CA ASP A 146 -1.61 12.78 -20.15
C ASP A 146 -0.63 13.15 -19.02
N SER A 147 0.21 14.17 -19.25
CA SER A 147 1.18 14.64 -18.25
C SER A 147 1.33 16.15 -18.39
N ASN A 148 1.94 16.80 -17.39
CA ASN A 148 2.18 18.26 -17.46
C ASN A 148 3.13 18.65 -18.56
N SER A 149 4.12 17.80 -18.88
CA SER A 149 5.06 18.01 -19.97
C SER A 149 5.29 16.72 -20.78
N PRO A 150 5.66 16.82 -22.07
CA PRO A 150 5.84 15.59 -22.87
C PRO A 150 6.87 14.64 -22.30
N ILE A 151 6.57 13.34 -22.38
CA ILE A 151 7.47 12.30 -21.91
C ILE A 151 8.00 11.50 -23.09
N MET A 152 9.28 11.06 -23.04
CA MET A 152 9.84 10.20 -24.09
C MET A 152 9.67 8.76 -23.59
N ASP A 153 8.75 8.00 -24.18
CA ASP A 153 8.49 6.60 -23.77
C ASP A 153 9.34 5.63 -24.62
N THR A 154 10.15 4.72 -24.00
CA THR A 154 10.92 3.78 -24.80
C THR A 154 10.84 2.39 -24.19
N GLU A 155 10.47 1.38 -25.01
CA GLU A 155 10.44 -0.02 -24.55
C GLU A 155 11.86 -0.53 -24.71
N VAL A 156 12.47 -1.03 -23.62
CA VAL A 156 13.86 -1.46 -23.63
C VAL A 156 14.06 -2.58 -22.60
N GLU A 157 15.05 -3.49 -22.79
CA GLU A 157 15.33 -4.52 -21.80
C GLU A 157 15.99 -3.82 -20.57
N VAL A 158 15.40 -4.07 -19.40
CA VAL A 158 15.83 -3.45 -18.12
C VAL A 158 16.46 -4.57 -17.29
N PRO A 159 17.67 -4.32 -16.72
CA PRO A 159 18.29 -5.35 -15.88
C PRO A 159 17.47 -5.59 -14.63
N GLU A 160 17.40 -6.86 -14.20
CA GLU A 160 16.79 -7.27 -12.93
C GLU A 160 17.81 -7.97 -12.00
N ARG A 161 19.08 -7.99 -12.40
CA ARG A 161 20.19 -8.57 -11.66
C ARG A 161 21.37 -7.65 -11.88
N ALA A 162 22.47 -7.85 -11.12
CA ALA A 162 23.70 -7.12 -11.36
C ALA A 162 24.18 -7.39 -12.81
N TRP A 163 24.80 -6.41 -13.43
CA TRP A 163 25.29 -6.53 -14.79
C TRP A 163 26.69 -5.98 -14.89
N SER A 164 27.46 -6.50 -15.87
CA SER A 164 28.82 -6.02 -16.14
C SER A 164 28.92 -5.31 -17.50
N SER A 165 27.98 -5.58 -18.41
CA SER A 165 28.02 -4.99 -19.74
C SER A 165 26.63 -5.05 -20.38
N GLY A 166 26.44 -4.32 -21.47
CA GLY A 166 25.22 -4.38 -22.26
C GLY A 166 24.07 -3.45 -21.85
N PHE A 167 24.29 -2.62 -20.80
CA PHE A 167 23.25 -1.67 -20.37
C PHE A 167 23.88 -0.28 -20.11
N ASP A 168 24.79 0.13 -21.01
CA ASP A 168 25.51 1.40 -20.79
C ASP A 168 24.56 2.62 -20.59
N TRP A 169 23.38 2.60 -21.24
CA TRP A 169 22.41 3.70 -21.14
C TRP A 169 21.99 3.95 -19.70
N VAL A 170 22.04 2.90 -18.86
CA VAL A 170 21.59 3.07 -17.47
C VAL A 170 22.55 4.01 -16.70
N THR A 171 23.86 3.74 -16.83
CA THR A 171 24.85 4.48 -16.05
C THR A 171 25.41 5.71 -16.78
N ASP A 172 25.25 5.81 -18.10
CA ASP A 172 25.74 6.99 -18.83
C ASP A 172 24.92 8.28 -18.57
N HIS A 173 23.75 8.14 -18.02
CA HIS A 173 22.83 9.23 -17.70
C HIS A 173 23.40 10.13 -16.62
N SER A 174 23.24 11.45 -16.75
CA SER A 174 23.80 12.37 -15.74
C SER A 174 22.76 13.06 -14.88
N GLY A 175 21.49 12.64 -14.98
CA GLY A 175 20.44 13.23 -14.16
C GLY A 175 20.03 12.35 -12.98
N LYS A 176 18.76 12.41 -12.61
CA LYS A 176 18.24 11.63 -11.47
C LYS A 176 17.21 10.65 -11.96
N THR A 177 17.35 9.37 -11.53
CA THR A 177 16.44 8.31 -11.97
C THR A 177 15.68 7.68 -10.82
N VAL A 178 14.39 7.42 -11.02
CA VAL A 178 13.57 6.65 -10.07
C VAL A 178 13.38 5.27 -10.74
N TRP A 179 13.79 4.17 -10.07
CA TRP A 179 13.76 2.83 -10.72
C TRP A 179 12.85 1.92 -9.91
N PHE A 180 11.75 1.48 -10.51
CA PHE A 180 10.80 0.58 -9.87
C PHE A 180 11.20 -0.87 -10.08
N VAL A 181 11.38 -1.58 -8.94
CA VAL A 181 11.76 -3.00 -8.88
C VAL A 181 10.59 -3.82 -8.26
N PRO A 182 10.57 -5.13 -8.48
CA PRO A 182 9.44 -5.94 -7.98
C PRO A 182 9.49 -6.33 -6.51
N SER A 183 10.67 -6.19 -5.86
CA SER A 183 10.78 -6.62 -4.46
C SER A 183 11.98 -5.93 -3.82
N VAL A 184 12.00 -5.91 -2.49
CA VAL A 184 13.13 -5.35 -1.74
C VAL A 184 14.43 -6.10 -2.06
N ARG A 185 14.39 -7.47 -2.11
CA ARG A 185 15.62 -8.24 -2.42
C ARG A 185 16.16 -7.89 -3.80
N ASN A 186 15.27 -7.74 -4.79
CA ASN A 186 15.72 -7.40 -6.15
CA ASN A 186 15.68 -7.38 -6.15
C ASN A 186 16.36 -6.00 -6.15
N GLY A 187 15.74 -5.05 -5.46
CA GLY A 187 16.31 -3.70 -5.40
C GLY A 187 17.67 -3.69 -4.71
N ASN A 188 17.86 -4.54 -3.69
CA ASN A 188 19.17 -4.60 -2.99
C ASN A 188 20.32 -4.98 -3.97
N GLU A 189 20.06 -5.93 -4.87
CA GLU A 189 21.07 -6.36 -5.83
C GLU A 189 21.36 -5.27 -6.85
N ILE A 190 20.31 -4.60 -7.37
CA ILE A 190 20.54 -3.53 -8.35
C ILE A 190 21.25 -2.36 -7.67
N ALA A 191 20.82 -2.01 -6.45
CA ALA A 191 21.46 -0.90 -5.71
C ALA A 191 22.94 -1.15 -5.48
N ALA A 192 23.33 -2.39 -5.12
CA ALA A 192 24.74 -2.73 -4.88
C ALA A 192 25.55 -2.60 -6.17
N CYS A 193 24.94 -3.01 -7.31
CA CYS A 193 25.62 -2.90 -8.59
C CYS A 193 25.85 -1.40 -8.92
N LEU A 194 24.83 -0.55 -8.73
CA LEU A 194 24.97 0.89 -9.03
C LEU A 194 25.95 1.55 -8.07
N THR A 195 25.94 1.16 -6.79
CA THR A 195 26.88 1.74 -5.82
C THR A 195 28.33 1.40 -6.22
N LYS A 196 28.55 0.15 -6.65
CA LYS A 196 29.88 -0.29 -7.10
C LYS A 196 30.36 0.51 -8.30
N ALA A 197 29.40 0.96 -9.16
CA ALA A 197 29.70 1.79 -10.33
C ALA A 197 29.88 3.29 -10.00
N GLY A 198 29.81 3.65 -8.72
CA GLY A 198 30.05 5.03 -8.29
C GLY A 198 28.82 5.90 -8.17
N LYS A 199 27.62 5.29 -8.20
CA LYS A 199 26.39 6.06 -8.05
C LYS A 199 25.96 6.14 -6.59
N ARG A 200 25.23 7.21 -6.25
CA ARG A 200 24.64 7.44 -4.92
C ARG A 200 23.18 6.96 -5.00
N VAL A 201 22.85 5.91 -4.24
CA VAL A 201 21.55 5.27 -4.33
C VAL A 201 20.76 5.31 -3.01
N ILE A 202 19.45 5.66 -3.09
CA ILE A 202 18.56 5.59 -1.92
C ILE A 202 17.55 4.48 -2.23
N GLN A 203 17.23 3.61 -1.25
CA GLN A 203 16.27 2.51 -1.42
C GLN A 203 15.02 2.78 -0.62
N LEU A 204 13.83 2.58 -1.22
CA LEU A 204 12.56 2.81 -0.55
C LEU A 204 11.70 1.57 -0.60
N SER A 205 11.03 1.26 0.50
CA SER A 205 10.05 0.17 0.55
C SER A 205 9.02 0.58 1.62
N ARG A 206 7.90 -0.20 1.77
CA ARG A 206 6.87 0.19 2.75
C ARG A 206 7.38 0.46 4.16
N LYS A 207 8.21 -0.45 4.70
CA LYS A 207 8.68 -0.29 6.09
C LYS A 207 9.67 0.85 6.27
N THR A 208 10.47 1.16 5.24
CA THR A 208 11.49 2.21 5.39
C THR A 208 11.08 3.57 4.81
N PHE A 209 9.94 3.65 4.13
CA PHE A 209 9.53 4.84 3.40
C PHE A 209 9.69 6.19 4.14
N GLU A 210 9.09 6.36 5.35
CA GLU A 210 9.19 7.66 6.02
C GLU A 210 10.62 8.15 6.25
N THR A 211 11.49 7.27 6.80
CA THR A 211 12.87 7.63 7.07
C THR A 211 13.70 7.89 5.81
N GLU A 212 13.65 6.95 4.84
CA GLU A 212 14.48 7.06 3.66
C GLU A 212 13.98 8.12 2.68
N PHE A 213 12.66 8.36 2.60
CA PHE A 213 12.14 9.37 1.65
C PHE A 213 12.73 10.76 1.97
N GLN A 214 12.92 11.05 3.27
CA GLN A 214 13.52 12.35 3.64
C GLN A 214 14.93 12.53 3.04
N LYS A 215 15.68 11.42 2.81
CA LYS A 215 17.00 11.49 2.17
C LYS A 215 16.94 12.02 0.75
N THR A 216 15.79 11.85 0.05
CA THR A 216 15.65 12.40 -1.30
C THR A 216 15.65 13.92 -1.32
N LYS A 217 15.33 14.55 -0.17
CA LYS A 217 15.34 15.99 -0.03
C LYS A 217 16.66 16.48 0.61
N ASN A 218 17.22 15.74 1.58
CA ASN A 218 18.39 16.19 2.36
C ASN A 218 19.76 15.94 1.73
N GLN A 219 19.83 15.01 0.75
CA GLN A 219 21.13 14.74 0.14
C GLN A 219 21.06 14.60 -1.36
N GLU A 220 22.22 14.75 -2.01
CA GLU A 220 22.29 14.60 -3.46
C GLU A 220 22.26 13.08 -3.75
N TRP A 221 21.54 12.71 -4.79
CA TRP A 221 21.42 11.29 -5.16
C TRP A 221 21.38 11.17 -6.66
N ASP A 222 21.74 9.97 -7.19
CA ASP A 222 21.71 9.70 -8.63
C ASP A 222 20.51 8.75 -8.94
N PHE A 223 20.27 7.75 -8.06
CA PHE A 223 19.16 6.82 -8.26
C PHE A 223 18.34 6.64 -7.00
N VAL A 224 17.02 6.49 -7.15
CA VAL A 224 16.11 6.01 -6.09
C VAL A 224 15.64 4.62 -6.57
N ILE A 225 15.84 3.56 -5.77
CA ILE A 225 15.39 2.20 -6.10
C ILE A 225 14.22 1.94 -5.20
N THR A 226 13.03 1.74 -5.79
CA THR A 226 11.83 1.64 -4.98
C THR A 226 10.92 0.52 -5.41
N THR A 227 10.18 0.00 -4.42
CA THR A 227 9.09 -0.92 -4.74
C THR A 227 7.84 -0.09 -5.16
N ASP A 228 6.71 -0.76 -5.40
CA ASP A 228 5.47 -0.14 -5.82
C ASP A 228 4.92 0.91 -4.85
N ILE A 229 5.44 0.99 -3.59
CA ILE A 229 4.87 1.99 -2.66
C ILE A 229 4.98 3.43 -3.21
N SER A 230 5.98 3.67 -4.09
CA SER A 230 6.12 5.01 -4.62
C SER A 230 5.06 5.37 -5.67
N GLU A 231 4.16 4.41 -6.04
CA GLU A 231 3.02 4.74 -6.91
C GLU A 231 1.97 5.59 -6.16
N MET A 232 2.09 5.72 -4.82
CA MET A 232 1.06 6.38 -4.03
C MET A 232 1.42 7.80 -3.61
N GLY A 233 1.56 8.69 -4.58
CA GLY A 233 1.79 10.10 -4.28
C GLY A 233 3.17 10.52 -3.82
N ALA A 234 4.20 9.69 -4.11
CA ALA A 234 5.58 10.06 -3.77
C ALA A 234 6.09 11.00 -4.87
N ASN A 235 6.53 12.21 -4.52
CA ASN A 235 7.02 13.18 -5.49
C ASN A 235 8.55 13.25 -5.45
N PHE A 236 9.17 13.22 -6.64
CA PHE A 236 10.61 13.31 -6.82
C PHE A 236 10.93 14.45 -7.81
N LYS A 237 12.12 15.01 -7.70
CA LYS A 237 12.56 16.02 -8.67
C LYS A 237 13.48 15.18 -9.54
N ALA A 238 12.92 14.40 -10.46
CA ALA A 238 13.71 13.47 -11.28
C ALA A 238 13.48 13.73 -12.78
N ASP A 239 14.39 13.22 -13.62
CA ASP A 239 14.15 13.36 -15.07
C ASP A 239 14.05 12.02 -15.78
N ARG A 240 14.08 10.89 -15.06
CA ARG A 240 13.93 9.60 -15.72
C ARG A 240 13.32 8.57 -14.79
N VAL A 241 12.43 7.73 -15.31
CA VAL A 241 11.92 6.58 -14.59
C VAL A 241 12.40 5.36 -15.37
N ILE A 242 12.98 4.38 -14.67
CA ILE A 242 13.28 3.06 -15.26
C ILE A 242 12.24 2.14 -14.60
N ASP A 243 11.46 1.42 -15.42
CA ASP A 243 10.41 0.60 -14.86
C ASP A 243 10.56 -0.83 -15.33
N SER A 244 10.88 -1.75 -14.40
CA SER A 244 10.94 -3.17 -14.69
C SER A 244 9.59 -3.67 -15.30
N ARG A 245 8.48 -2.97 -14.95
CA ARG A 245 7.11 -3.38 -15.26
C ARG A 245 6.75 -4.69 -14.58
N ARG A 246 7.41 -5.01 -13.43
CA ARG A 246 7.14 -6.26 -12.75
C ARG A 246 6.80 -6.02 -11.26
N CYS A 247 6.08 -6.97 -10.71
CA CYS A 247 5.68 -6.93 -9.29
C CYS A 247 5.57 -8.36 -8.79
N LEU A 248 5.44 -8.53 -7.48
CA LEU A 248 5.18 -9.86 -6.90
C LEU A 248 3.69 -9.90 -6.60
N LYS A 249 3.11 -11.09 -6.69
CA LYS A 249 1.65 -11.25 -6.48
C LYS A 249 1.46 -12.27 -5.36
N PRO A 250 0.94 -11.87 -4.19
CA PRO A 250 0.63 -12.90 -3.16
C PRO A 250 -0.56 -13.71 -3.65
N VAL A 251 -0.45 -15.05 -3.57
CA VAL A 251 -1.49 -15.93 -4.08
C VAL A 251 -1.77 -16.98 -3.02
N ILE A 252 -3.05 -17.17 -2.68
CA ILE A 252 -3.40 -18.22 -1.71
C ILE A 252 -3.55 -19.54 -2.52
N LEU A 253 -2.79 -20.59 -2.12
CA LEU A 253 -2.85 -21.91 -2.80
C LEU A 253 -3.65 -22.90 -1.99
N ASP A 254 -4.63 -23.59 -2.60
CA ASP A 254 -5.43 -24.60 -1.91
C ASP A 254 -6.06 -24.13 -0.60
N GLY A 255 -6.29 -22.83 -0.47
CA GLY A 255 -6.81 -22.20 0.74
C GLY A 255 -5.95 -22.43 1.97
N GLU A 256 -4.67 -22.88 1.79
CA GLU A 256 -3.88 -23.27 2.98
C GLU A 256 -2.49 -22.65 3.16
N ARG A 257 -2.01 -21.89 2.17
CA ARG A 257 -0.69 -21.26 2.28
C ARG A 257 -0.69 -20.09 1.31
N VAL A 258 0.21 -19.11 1.56
CA VAL A 258 0.36 -17.96 0.65
C VAL A 258 1.77 -17.95 0.10
N ILE A 259 1.89 -17.87 -1.26
CA ILE A 259 3.19 -17.74 -1.88
C ILE A 259 3.28 -16.34 -2.52
N LEU A 260 4.50 -15.91 -2.78
CA LEU A 260 4.72 -14.66 -3.52
C LEU A 260 5.10 -15.07 -4.94
N ALA A 261 4.10 -15.10 -5.82
CA ALA A 261 4.29 -15.54 -7.20
C ALA A 261 4.94 -14.46 -8.04
N GLY A 262 5.63 -14.92 -9.08
CA GLY A 262 6.23 -13.97 -10.02
C GLY A 262 7.73 -13.90 -9.88
N PRO A 263 8.34 -12.75 -10.24
CA PRO A 263 7.71 -11.49 -10.68
C PRO A 263 6.88 -11.65 -11.92
N MET A 264 5.82 -10.84 -11.99
CA MET A 264 4.95 -10.89 -13.14
C MET A 264 4.56 -9.45 -13.53
N PRO A 265 3.89 -9.28 -14.68
CA PRO A 265 3.60 -7.91 -15.14
C PRO A 265 2.73 -7.10 -14.17
N VAL A 266 2.95 -5.78 -14.14
CA VAL A 266 2.11 -4.89 -13.38
C VAL A 266 0.79 -4.66 -14.14
N THR A 267 -0.21 -4.08 -13.40
CA THR A 267 -1.44 -3.64 -14.08
C THR A 267 -1.16 -2.34 -14.87
N HIS A 268 -2.09 -1.96 -15.78
CA HIS A 268 -1.92 -0.68 -16.51
C HIS A 268 -1.94 0.48 -15.51
N ALA A 269 -2.81 0.42 -14.47
CA ALA A 269 -2.86 1.50 -13.46
C ALA A 269 -1.48 1.71 -12.80
N SER A 270 -0.83 0.59 -12.38
CA SER A 270 0.49 0.72 -11.74
C SER A 270 1.50 1.31 -12.70
N ALA A 271 1.53 0.79 -13.96
CA ALA A 271 2.50 1.32 -14.93
C ALA A 271 2.30 2.80 -15.15
N ALA A 272 1.02 3.26 -15.23
CA ALA A 272 0.74 4.67 -15.44
C ALA A 272 1.20 5.50 -14.24
N GLN A 273 1.03 4.97 -13.02
CA GLN A 273 1.48 5.72 -11.82
C GLN A 273 3.00 5.77 -11.71
N ARG A 274 3.69 4.69 -12.15
CA ARG A 274 5.18 4.64 -12.09
C ARG A 274 5.71 5.67 -13.11
N ARG A 275 5.20 5.59 -14.36
CA ARG A 275 5.58 6.62 -15.38
C ARG A 275 5.25 8.05 -14.85
N GLY A 276 4.10 8.16 -14.20
CA GLY A 276 3.58 9.43 -13.69
C GLY A 276 4.47 10.14 -12.69
N ARG A 277 5.57 9.47 -12.23
CA ARG A 277 6.50 10.18 -11.35
C ARG A 277 7.21 11.28 -12.11
N ILE A 278 7.37 11.14 -13.45
CA ILE A 278 8.08 12.17 -14.25
C ILE A 278 7.11 12.86 -15.26
N GLY A 279 7.60 13.87 -15.99
CA GLY A 279 6.74 14.64 -16.88
C GLY A 279 5.86 15.61 -16.10
N ARG A 280 6.25 15.95 -14.86
CA ARG A 280 5.41 16.79 -14.01
C ARG A 280 5.66 18.29 -14.11
N ASN A 281 6.77 18.68 -14.73
CA ASN A 281 7.14 20.09 -14.78
C ASN A 281 6.97 20.64 -16.19
N PRO A 282 6.01 21.54 -16.45
CA PRO A 282 5.83 22.04 -17.83
C PRO A 282 7.06 22.77 -18.40
N ASN A 283 8.00 23.18 -17.53
CA ASN A 283 9.23 23.84 -17.97
C ASN A 283 10.36 22.84 -18.31
N LYS A 284 10.12 21.53 -18.11
CA LYS A 284 11.12 20.53 -18.41
C LYS A 284 10.53 19.42 -19.26
N PRO A 285 10.31 19.68 -20.55
CA PRO A 285 9.83 18.61 -21.44
C PRO A 285 10.95 17.57 -21.66
N GLY A 286 10.57 16.37 -22.05
CA GLY A 286 11.55 15.36 -22.41
C GLY A 286 12.08 14.47 -21.31
N ASP A 287 11.37 14.44 -20.15
CA ASP A 287 11.71 13.41 -19.14
C ASP A 287 11.51 12.02 -19.79
N GLU A 288 12.29 11.03 -19.39
CA GLU A 288 12.29 9.73 -20.04
C GLU A 288 11.59 8.64 -19.22
N TYR A 289 10.86 7.75 -19.88
CA TYR A 289 10.26 6.61 -19.21
C TYR A 289 10.75 5.38 -20.00
N MET A 290 11.62 4.56 -19.37
CA MET A 290 12.17 3.37 -20.03
C MET A 290 11.47 2.19 -19.40
N TYR A 291 10.77 1.33 -20.20
CA TYR A 291 9.98 0.26 -19.59
C TYR A 291 10.33 -1.10 -20.15
N GLY A 292 10.39 -2.10 -19.25
CA GLY A 292 10.94 -3.40 -19.61
C GLY A 292 10.02 -4.60 -19.71
N GLY A 293 8.75 -4.35 -19.96
CA GLY A 293 7.78 -5.43 -20.15
C GLY A 293 6.39 -4.87 -20.42
N GLY A 294 5.44 -5.74 -20.68
CA GLY A 294 4.07 -5.29 -20.91
C GLY A 294 3.24 -5.30 -19.62
N CYS A 295 1.95 -4.90 -19.74
CA CYS A 295 1.03 -4.90 -18.56
C CYS A 295 0.10 -6.09 -18.67
N ALA A 296 -0.53 -6.44 -17.54
CA ALA A 296 -1.51 -7.54 -17.52
C ALA A 296 -2.47 -7.35 -16.33
N GLU A 297 -3.61 -8.09 -16.29
CA GLU A 297 -4.48 -7.80 -15.14
CA GLU A 297 -4.60 -7.99 -15.22
C GLU A 297 -4.16 -8.85 -14.02
N THR A 298 -2.99 -8.55 -13.41
CA THR A 298 -2.42 -9.38 -12.35
C THR A 298 -3.08 -9.15 -10.97
N ASP A 299 -4.10 -8.24 -10.90
CA ASP A 299 -4.86 -8.09 -9.67
C ASP A 299 -5.93 -9.17 -9.56
N GLU A 300 -6.27 -9.86 -10.68
CA GLU A 300 -7.28 -10.91 -10.62
C GLU A 300 -6.69 -12.07 -9.82
N GLY A 301 -7.37 -12.47 -8.75
CA GLY A 301 -6.90 -13.57 -7.90
C GLY A 301 -5.75 -13.22 -6.97
N HIS A 302 -5.45 -11.90 -6.85
CA HIS A 302 -4.39 -11.41 -6.01
C HIS A 302 -4.93 -11.48 -4.53
N ALA A 303 -4.11 -11.95 -3.58
CA ALA A 303 -4.60 -12.12 -2.19
C ALA A 303 -5.12 -10.87 -1.52
N HIS A 304 -4.67 -9.66 -1.94
CA HIS A 304 -5.18 -8.47 -1.24
C HIS A 304 -6.70 -8.32 -1.31
N TRP A 305 -7.33 -8.77 -2.41
CA TRP A 305 -8.79 -8.58 -2.52
C TRP A 305 -9.56 -9.59 -1.62
N LEU A 306 -8.98 -10.78 -1.41
CA LEU A 306 -9.58 -11.76 -0.48
C LEU A 306 -9.34 -11.20 0.96
N GLU A 307 -8.10 -10.72 1.23
CA GLU A 307 -7.85 -10.11 2.55
C GLU A 307 -8.82 -8.89 2.83
N ALA A 308 -9.11 -8.07 1.81
CA ALA A 308 -10.09 -6.97 2.01
C ALA A 308 -11.48 -7.49 2.43
N ARG A 309 -11.91 -8.64 1.88
CA ARG A 309 -13.19 -9.26 2.28
C ARG A 309 -13.11 -9.78 3.72
N MET A 310 -11.92 -10.27 4.14
CA MET A 310 -11.76 -10.69 5.55
C MET A 310 -11.95 -9.47 6.47
N LEU A 311 -11.40 -8.31 6.07
CA LEU A 311 -11.55 -7.11 6.92
C LEU A 311 -13.02 -6.63 6.92
N LEU A 312 -13.66 -6.51 5.70
CA LEU A 312 -15.04 -6.03 5.61
C LEU A 312 -16.06 -6.91 6.31
N ASP A 313 -15.85 -8.22 6.27
CA ASP A 313 -16.77 -9.14 6.96
C ASP A 313 -16.77 -8.89 8.48
N ASN A 314 -15.71 -8.22 9.01
CA ASN A 314 -15.57 -7.98 10.44
C ASN A 314 -15.78 -6.51 10.84
N ILE A 315 -16.43 -5.71 9.95
CA ILE A 315 -16.76 -4.32 10.25
C ILE A 315 -18.27 -4.17 10.36
N TYR A 316 -18.75 -3.60 11.47
CA TYR A 316 -20.19 -3.36 11.61
C TYR A 316 -20.66 -2.27 10.62
N LEU A 317 -21.80 -2.52 9.99
CA LEU A 317 -22.38 -1.56 9.04
C LEU A 317 -23.81 -1.19 9.54
N GLN A 318 -24.68 -2.21 9.62
CA GLN A 318 -26.05 -2.03 10.09
C GLN A 318 -26.60 -3.44 10.34
N ASP A 319 -26.99 -3.76 11.60
CA ASP A 319 -27.47 -5.10 11.98
C ASP A 319 -26.51 -6.21 11.46
N GLY A 320 -26.99 -7.16 10.67
CA GLY A 320 -26.11 -8.22 10.13
C GLY A 320 -25.63 -7.98 8.72
N LEU A 321 -25.88 -6.76 8.16
CA LEU A 321 -25.45 -6.42 6.81
C LEU A 321 -23.93 -6.31 6.71
N ILE A 322 -23.40 -6.63 5.53
CA ILE A 322 -21.94 -6.58 5.34
C ILE A 322 -21.61 -5.77 4.10
N ALA A 323 -20.62 -4.87 4.20
CA ALA A 323 -20.26 -4.02 3.07
C ALA A 323 -19.69 -4.83 1.92
N SER A 324 -20.04 -4.43 0.71
CA SER A 324 -19.51 -5.08 -0.49
C SER A 324 -18.23 -4.33 -0.94
N LEU A 325 -17.37 -4.99 -1.75
CA LEU A 325 -16.26 -4.27 -2.36
C LEU A 325 -16.83 -3.26 -3.36
N TYR A 326 -16.06 -2.20 -3.63
CA TYR A 326 -16.39 -1.16 -4.61
C TYR A 326 -16.60 -1.87 -5.96
N ARG A 327 -17.77 -1.65 -6.58
CA ARG A 327 -18.19 -2.40 -7.74
C ARG A 327 -17.09 -2.64 -8.83
N PRO A 328 -16.29 -1.65 -9.28
CA PRO A 328 -15.31 -1.92 -10.35
C PRO A 328 -14.14 -2.86 -9.98
N GLU A 329 -13.95 -3.14 -8.68
CA GLU A 329 -12.88 -4.09 -8.32
C GLU A 329 -13.44 -5.35 -7.63
N ALA A 330 -14.78 -5.52 -7.56
CA ALA A 330 -15.42 -6.64 -6.88
C ALA A 330 -15.21 -8.01 -7.55
N ASP A 331 -14.95 -8.07 -8.88
CA ASP A 331 -14.72 -9.38 -9.52
C ASP A 331 -13.29 -9.90 -9.38
N LYS A 332 -12.41 -9.17 -8.67
CA LYS A 332 -11.01 -9.62 -8.51
C LYS A 332 -10.88 -10.78 -7.51
N VAL A 333 -11.95 -11.09 -6.79
CA VAL A 333 -11.92 -12.19 -5.83
C VAL A 333 -13.20 -12.99 -5.94
N ALA A 334 -13.12 -14.29 -5.67
CA ALA A 334 -14.28 -15.16 -5.59
C ALA A 334 -14.42 -15.44 -4.10
N ALA A 335 -15.41 -14.83 -3.47
CA ALA A 335 -15.62 -15.01 -2.03
C ALA A 335 -17.09 -14.88 -1.72
N ILE A 336 -17.53 -15.54 -0.65
CA ILE A 336 -18.91 -15.42 -0.21
C ILE A 336 -18.93 -14.27 0.81
N GLU A 337 -19.72 -13.20 0.61
CA GLU A 337 -19.81 -12.13 1.62
C GLU A 337 -20.30 -12.70 2.94
N GLY A 338 -19.56 -12.41 4.01
CA GLY A 338 -19.86 -12.94 5.34
C GLY A 338 -19.12 -14.21 5.72
N GLU A 339 -18.42 -14.88 4.76
CA GLU A 339 -17.77 -16.16 5.09
C GLU A 339 -16.63 -16.04 6.12
N PHE A 340 -16.08 -14.83 6.30
CA PHE A 340 -14.98 -14.60 7.25
C PHE A 340 -15.44 -13.85 8.50
N LYS A 341 -16.77 -13.71 8.74
CA LYS A 341 -17.25 -13.01 9.92
C LYS A 341 -16.95 -13.81 11.18
N LEU A 342 -16.22 -13.21 12.13
CA LEU A 342 -15.83 -13.89 13.36
C LEU A 342 -16.67 -13.46 14.55
N ARG A 343 -16.79 -14.35 15.55
CA ARG A 343 -17.46 -13.98 16.81
C ARG A 343 -16.60 -12.95 17.57
N THR A 344 -17.21 -12.21 18.51
CA THR A 344 -16.54 -11.13 19.23
C THR A 344 -15.08 -11.40 19.69
N GLU A 345 -14.85 -12.49 20.43
CA GLU A 345 -13.51 -12.78 20.94
C GLU A 345 -12.50 -13.14 19.85
N GLN A 346 -12.91 -13.94 18.85
CA GLN A 346 -11.97 -14.26 17.74
C GLN A 346 -11.70 -13.00 16.94
N ARG A 347 -12.71 -12.10 16.77
CA ARG A 347 -12.46 -10.83 16.07
C ARG A 347 -11.43 -9.99 16.77
N LYS A 348 -11.48 -9.92 18.12
CA LYS A 348 -10.50 -9.14 18.85
C LYS A 348 -9.08 -9.72 18.64
N THR A 349 -8.96 -11.07 18.63
CA THR A 349 -7.65 -11.73 18.42
C THR A 349 -7.14 -11.40 16.99
N PHE A 350 -8.07 -11.46 16.01
CA PHE A 350 -7.71 -11.13 14.61
C PHE A 350 -7.19 -9.72 14.50
N VAL A 351 -7.88 -8.76 15.14
CA VAL A 351 -7.43 -7.37 15.10
C VAL A 351 -6.03 -7.21 15.75
N GLU A 352 -5.84 -7.81 16.93
CA GLU A 352 -4.57 -7.66 17.64
C GLU A 352 -3.42 -8.31 16.86
N LEU A 353 -3.69 -9.46 16.21
CA LEU A 353 -2.62 -10.11 15.41
C LEU A 353 -2.16 -9.20 14.25
N MET A 354 -3.10 -8.41 13.70
CA MET A 354 -2.71 -7.46 12.64
C MET A 354 -2.07 -6.21 13.19
N LYS A 355 -2.62 -5.64 14.25
CA LYS A 355 -2.16 -4.36 14.80
C LYS A 355 -0.86 -4.47 15.58
N ARG A 356 -0.84 -5.27 16.63
CA ARG A 356 0.37 -5.42 17.46
C ARG A 356 1.27 -6.53 16.87
N GLY A 357 0.64 -7.60 16.37
CA GLY A 357 1.38 -8.71 15.82
C GLY A 357 2.08 -8.39 14.49
N ASP A 358 1.52 -7.39 13.74
CA ASP A 358 2.06 -7.01 12.44
C ASP A 358 2.05 -8.18 11.42
N LEU A 359 1.09 -9.11 11.59
CA LEU A 359 1.01 -10.24 10.66
C LEU A 359 0.14 -9.87 9.44
N PRO A 360 0.40 -10.51 8.28
CA PRO A 360 -0.49 -10.29 7.13
C PRO A 360 -1.94 -10.65 7.51
N VAL A 361 -2.92 -9.98 6.86
CA VAL A 361 -4.34 -10.25 7.19
C VAL A 361 -4.68 -11.75 7.08
N TRP A 362 -4.26 -12.41 5.95
CA TRP A 362 -4.63 -13.82 5.78
C TRP A 362 -4.13 -14.69 6.91
N LEU A 363 -2.87 -14.44 7.32
CA LEU A 363 -2.28 -15.27 8.37
C LEU A 363 -2.95 -15.00 9.72
N ALA A 364 -3.22 -13.73 10.01
CA ALA A 364 -3.93 -13.35 11.26
C ALA A 364 -5.30 -14.05 11.32
N TYR A 365 -5.99 -14.11 10.15
CA TYR A 365 -7.29 -14.77 10.10
C TYR A 365 -7.19 -16.27 10.41
N GLN A 366 -6.17 -16.99 9.83
CA GLN A 366 -6.05 -18.42 10.12
C GLN A 366 -5.90 -18.69 11.61
N VAL A 367 -5.07 -17.86 12.28
CA VAL A 367 -4.76 -18.08 13.70
C VAL A 367 -5.99 -17.80 14.54
N ALA A 368 -6.63 -16.66 14.32
CA ALA A 368 -7.80 -16.23 15.11
C ALA A 368 -8.96 -17.18 14.91
N SER A 369 -9.17 -17.63 13.64
CA SER A 369 -10.30 -18.54 13.36
C SER A 369 -10.12 -19.96 13.90
N ALA A 370 -8.86 -20.34 14.20
CA ALA A 370 -8.54 -21.60 14.83
C ALA A 370 -8.78 -21.57 16.36
N GLY A 371 -9.20 -20.43 16.92
CA GLY A 371 -9.45 -20.33 18.34
C GLY A 371 -8.19 -20.16 19.19
N ILE A 372 -7.09 -19.74 18.55
CA ILE A 372 -5.82 -19.51 19.26
C ILE A 372 -5.83 -18.08 19.80
N THR A 373 -5.34 -17.88 21.06
CA THR A 373 -5.29 -16.51 21.61
C THR A 373 -4.02 -15.78 21.18
N TYR A 374 -4.05 -14.43 21.24
CA TYR A 374 -2.96 -13.62 20.71
C TYR A 374 -1.55 -14.06 21.16
N THR A 375 -1.39 -14.31 22.45
CA THR A 375 -0.05 -14.59 22.99
C THR A 375 0.40 -16.06 22.88
N ASP A 376 -0.47 -16.94 22.34
CA ASP A 376 -0.15 -18.38 22.29
C ASP A 376 0.59 -18.60 20.97
N ARG A 377 1.92 -18.83 21.05
CA ARG A 377 2.73 -18.93 19.84
C ARG A 377 3.10 -20.37 19.46
N ARG A 378 2.47 -21.39 20.09
CA ARG A 378 2.81 -22.78 19.78
C ARG A 378 2.68 -23.09 18.27
N TRP A 379 1.71 -22.47 17.59
CA TRP A 379 1.51 -22.65 16.15
C TRP A 379 2.71 -22.26 15.31
N CYS A 380 3.63 -21.41 15.84
CA CYS A 380 4.80 -21.00 15.04
C CYS A 380 5.81 -22.16 14.87
N PHE A 381 5.61 -23.27 15.59
CA PHE A 381 6.60 -24.35 15.62
C PHE A 381 6.03 -25.73 15.25
N ASP A 382 4.71 -25.88 15.10
CA ASP A 382 4.11 -27.20 14.93
C ASP A 382 3.59 -27.52 13.54
N GLY A 383 4.09 -26.83 12.53
CA GLY A 383 3.67 -27.10 11.17
C GLY A 383 4.39 -28.30 10.58
N THR A 384 4.07 -28.62 9.32
CA THR A 384 4.74 -29.74 8.64
C THR A 384 6.15 -29.36 8.23
N THR A 385 7.01 -30.36 7.94
CA THR A 385 8.39 -30.08 7.54
C THR A 385 8.48 -29.16 6.32
N ASN A 386 7.51 -29.25 5.38
CA ASN A 386 7.55 -28.38 4.20
C ASN A 386 7.36 -26.90 4.55
N ASN A 387 6.87 -26.58 5.77
CA ASN A 387 6.70 -25.20 6.28
C ASN A 387 7.90 -24.64 7.02
N THR A 388 9.02 -25.40 7.07
CA THR A 388 10.24 -24.91 7.71
C THR A 388 10.75 -23.65 7.03
N ILE A 389 10.93 -22.57 7.81
CA ILE A 389 11.46 -21.32 7.26
C ILE A 389 12.97 -21.39 7.33
N MET A 390 13.63 -20.93 6.27
CA MET A 390 15.08 -20.99 6.19
C MET A 390 15.75 -19.64 6.43
N GLU A 391 16.98 -19.68 6.91
CA GLU A 391 17.82 -18.51 7.13
CA GLU A 391 17.82 -18.51 7.13
C GLU A 391 19.22 -18.92 6.69
N ASP A 392 19.76 -18.27 5.67
CA ASP A 392 21.09 -18.65 5.14
C ASP A 392 21.14 -20.14 4.71
N SER A 393 20.06 -20.60 4.10
CA SER A 393 19.90 -21.94 3.55
C SER A 393 19.94 -23.12 4.54
N VAL A 394 19.67 -22.85 5.86
CA VAL A 394 19.48 -23.89 6.89
C VAL A 394 18.24 -23.46 7.71
N PRO A 395 17.58 -24.36 8.45
CA PRO A 395 16.36 -23.95 9.18
C PRO A 395 16.61 -22.78 10.13
N ALA A 396 15.70 -21.79 10.12
CA ALA A 396 15.81 -20.65 11.03
C ALA A 396 15.43 -21.15 12.42
N GLU A 397 16.07 -20.61 13.45
CA GLU A 397 15.83 -21.07 14.81
C GLU A 397 15.61 -19.87 15.72
N VAL A 398 14.77 -20.05 16.74
CA VAL A 398 14.55 -18.99 17.73
C VAL A 398 14.49 -19.64 19.13
N TRP A 399 14.66 -18.82 20.18
CA TRP A 399 14.43 -19.33 21.53
C TRP A 399 12.98 -18.99 21.85
N THR A 400 12.16 -19.99 22.19
CA THR A 400 10.77 -19.75 22.49
C THR A 400 10.68 -18.96 23.81
N LYS A 401 9.49 -18.47 24.13
CA LYS A 401 9.24 -17.79 25.39
C LYS A 401 9.51 -18.73 26.60
N TYR A 402 9.59 -20.05 26.37
CA TYR A 402 9.91 -21.01 27.42
C TYR A 402 11.43 -21.21 27.61
N GLY A 403 12.23 -20.66 26.71
CA GLY A 403 13.68 -20.80 26.78
C GLY A 403 14.25 -21.96 25.97
N GLU A 404 13.43 -22.57 25.10
CA GLU A 404 13.81 -23.73 24.31
C GLU A 404 14.18 -23.29 22.88
N LYS A 405 15.32 -23.79 22.34
CA LYS A 405 15.67 -23.45 20.95
C LYS A 405 14.85 -24.36 20.03
N ARG A 406 14.07 -23.76 19.12
CA ARG A 406 13.22 -24.52 18.20
C ARG A 406 13.32 -23.98 16.77
N VAL A 407 13.14 -24.88 15.78
CA VAL A 407 13.13 -24.50 14.40
C VAL A 407 11.79 -23.80 14.12
N LEU A 408 11.83 -22.75 13.35
CA LEU A 408 10.64 -21.99 12.96
C LEU A 408 9.91 -22.78 11.84
N LYS A 409 8.69 -23.21 12.12
CA LYS A 409 7.97 -24.08 11.20
C LYS A 409 6.49 -23.85 11.48
N PRO A 410 5.97 -22.71 10.97
CA PRO A 410 4.58 -22.32 11.30
C PRO A 410 3.51 -23.26 10.75
N ARG A 411 2.39 -23.37 11.48
CA ARG A 411 1.28 -24.23 11.09
C ARG A 411 0.68 -23.78 9.74
N TRP A 412 0.64 -22.43 9.52
CA TRP A 412 0.18 -21.84 8.27
C TRP A 412 1.39 -21.07 7.74
N MET A 413 1.74 -21.27 6.47
CA MET A 413 2.89 -20.61 5.89
C MET A 413 2.45 -19.46 4.99
N ASP A 414 2.87 -18.22 5.30
CA ASP A 414 2.60 -17.06 4.47
C ASP A 414 3.95 -16.46 4.11
N ALA A 415 4.36 -16.56 2.83
CA ALA A 415 5.67 -16.10 2.33
C ALA A 415 6.03 -14.68 2.71
N ARG A 416 5.03 -13.86 2.99
CA ARG A 416 5.28 -12.47 3.37
C ARG A 416 6.00 -12.31 4.71
N VAL A 417 5.97 -13.35 5.60
CA VAL A 417 6.69 -13.20 6.88
C VAL A 417 8.20 -13.41 6.77
N CYS A 418 8.72 -13.83 5.59
CA CYS A 418 10.15 -14.06 5.46
C CYS A 418 10.65 -13.67 4.03
N SER A 419 9.98 -12.71 3.38
CA SER A 419 10.34 -12.29 2.00
C SER A 419 11.63 -11.47 1.90
N ASP A 420 12.10 -10.94 3.01
CA ASP A 420 13.34 -10.17 3.09
C ASP A 420 13.91 -10.30 4.52
N HIS A 421 15.16 -9.83 4.76
CA HIS A 421 15.79 -9.97 6.08
C HIS A 421 14.94 -9.33 7.18
N ALA A 422 14.43 -8.10 6.94
CA ALA A 422 13.66 -7.40 7.98
C ALA A 422 12.40 -8.18 8.35
N ALA A 423 11.71 -8.74 7.33
CA ALA A 423 10.45 -9.47 7.60
C ALA A 423 10.76 -10.70 8.44
N LEU A 424 11.80 -11.49 8.06
CA LEU A 424 12.17 -12.69 8.83
C LEU A 424 12.53 -12.31 10.29
N LYS A 425 13.29 -11.20 10.48
CA LYS A 425 13.67 -10.77 11.83
C LYS A 425 12.44 -10.46 12.67
N SER A 426 11.44 -9.81 12.05
CA SER A 426 10.20 -9.45 12.75
C SER A 426 9.39 -10.71 13.11
N PHE A 427 9.33 -11.65 12.17
CA PHE A 427 8.57 -12.89 12.48
C PHE A 427 9.27 -13.74 13.56
N LYS A 428 10.62 -13.77 13.57
CA LYS A 428 11.34 -14.51 14.63
C LYS A 428 11.01 -13.89 15.98
N GLU A 429 10.95 -12.56 16.06
CA GLU A 429 10.62 -11.88 17.34
C GLU A 429 9.18 -12.24 17.75
N PHE A 430 8.26 -12.29 16.77
CA PHE A 430 6.88 -12.69 17.06
C PHE A 430 6.83 -14.14 17.62
N ALA A 431 7.52 -15.07 16.93
CA ALA A 431 7.50 -16.48 17.37
C ALA A 431 8.06 -16.64 18.79
N ALA A 432 9.04 -15.77 19.14
CA ALA A 432 9.68 -15.83 20.45
C ALA A 432 8.84 -15.19 21.58
N GLY A 433 7.69 -14.61 21.25
CA GLY A 433 6.85 -13.97 22.26
C GLY A 433 7.29 -12.56 22.63
N LYS A 434 8.08 -11.92 21.75
CA LYS A 434 8.64 -10.59 22.07
C LYS A 434 7.73 -9.40 21.75
N ARG A 435 6.54 -9.66 21.20
CA ARG A 435 5.50 -8.66 21.06
C ARG A 435 4.12 -9.30 21.02
#